data_5JI5
#
_entry.id   5JI5
#
_cell.length_a   66.380
_cell.length_b   127.870
_cell.length_c   68.680
_cell.angle_alpha   90.000
_cell.angle_beta   90.000
_cell.angle_gamma   90.000
#
_symmetry.space_group_name_H-M   'C 2 2 21'
#
loop_
_entity.id
_entity.type
_entity.pdbx_description
1 polymer BuphA.10154.a.B1
2 non-polymer 'ZINC ION'
3 non-polymer 'SULFATE ION'
4 non-polymer 1,2-ETHANEDIOL
5 non-polymer 'SODIUM ION'
6 water water
#
_entity_poly.entity_id   1
_entity_poly.type   'polypeptide(L)'
_entity_poly.pdbx_seq_one_letter_code
;MAHHHHHHMATGFYSHADCLQHEMGQWHPECPARLQAIEDQLIASRIGELIERESAPLADEAALLRVHTKAHVDYLRARS
PQSGYAEIDPDTSMNPHTWTAALRAAGAAVAATDAVIEGRYDNAFCSVRPPGHHAEPARAMGFCFFNNVAIAARHALEVH
KLERVAIIDFDVHHGNGTEAAFSNDARVLMCSIFQHPFYPFTGADNQAPNMCNVPIAARSKGMVVREAIDMIWLPRLDAF
KPQMLFVSAGFDAHREDDLGNMALVEDDYAWITQQIRLVADKYAKGRIVSCLEGGYNLSALGRSVVAHVRALADI
;
_entity_poly.pdbx_strand_id   A
#
# COMPACT_ATOMS: atom_id res chain seq x y z
N ALA A 10 14.00 3.69 -14.85
CA ALA A 10 13.49 4.88 -14.17
C ALA A 10 12.30 4.55 -13.26
N THR A 11 12.21 5.34 -12.20
CA THR A 11 11.26 5.15 -11.12
C THR A 11 10.40 6.40 -11.05
N GLY A 12 9.09 6.22 -11.19
CA GLY A 12 8.16 7.30 -11.04
C GLY A 12 7.76 7.49 -9.59
N PHE A 13 7.56 8.76 -9.21
CA PHE A 13 7.24 9.09 -7.84
C PHE A 13 6.01 9.97 -7.88
N TYR A 14 4.87 9.41 -7.44
CA TYR A 14 3.55 10.03 -7.55
C TYR A 14 3.15 10.59 -6.19
N SER A 15 2.73 11.85 -6.18
CA SER A 15 2.21 12.48 -4.96
C SER A 15 1.34 13.67 -5.36
N HIS A 16 0.67 14.22 -4.36
CA HIS A 16 -0.11 15.44 -4.60
C HIS A 16 -0.27 16.23 -3.30
N ALA A 17 -0.16 17.55 -3.44
CA ALA A 17 -0.35 18.45 -2.31
C ALA A 17 -1.71 18.28 -1.67
N ASP A 18 -2.75 17.90 -2.44
CA ASP A 18 -4.08 17.74 -1.85
C ASP A 18 -4.07 16.73 -0.72
N CYS A 19 -3.19 15.72 -0.82
CA CYS A 19 -3.09 14.69 0.19
C CYS A 19 -2.67 15.23 1.56
N LEU A 20 -1.99 16.37 1.60
CA LEU A 20 -1.65 16.97 2.89
C LEU A 20 -2.87 17.55 3.60
N GLN A 21 -3.93 17.88 2.87
CA GLN A 21 -5.09 18.54 3.45
C GLN A 21 -5.96 17.59 4.29
N HIS A 22 -5.90 16.28 4.04
CA HIS A 22 -6.58 15.31 4.88
C HIS A 22 -5.99 15.28 6.27
N GLU A 23 -6.83 15.41 7.28
CA GLU A 23 -6.39 15.22 8.66
C GLU A 23 -7.61 14.85 9.51
N MET A 24 -7.35 14.12 10.59
CA MET A 24 -8.43 13.61 11.44
C MET A 24 -8.26 14.04 12.89
N GLY A 25 -7.76 15.25 13.10
CA GLY A 25 -7.52 15.74 14.43
C GLY A 25 -6.04 15.81 14.76
N GLN A 26 -5.68 16.75 15.65
CA GLN A 26 -4.28 17.00 15.98
C GLN A 26 -3.62 15.77 16.61
N TRP A 27 -4.38 15.00 17.40
CA TRP A 27 -3.82 13.84 18.10
C TRP A 27 -3.50 12.68 17.16
N HIS A 28 -3.98 12.71 15.92
CA HIS A 28 -4.03 11.49 15.13
C HIS A 28 -2.67 11.21 14.48
N PRO A 29 -2.12 10.00 14.64
CA PRO A 29 -0.78 9.71 14.10
C PRO A 29 -0.72 9.62 12.59
N GLU A 30 -1.85 9.37 11.91
CA GLU A 30 -1.88 9.30 10.45
C GLU A 30 -2.01 10.73 9.94
N CYS A 31 -0.88 11.43 9.91
CA CYS A 31 -0.93 12.88 9.81
C CYS A 31 -0.23 13.41 8.57
N PRO A 32 -0.54 14.65 8.17
CA PRO A 32 0.14 15.26 7.02
C PRO A 32 1.66 15.27 7.10
N ALA A 33 2.25 15.33 8.29
CA ALA A 33 3.71 15.41 8.36
C ALA A 33 4.37 14.11 7.97
N ARG A 34 3.61 13.01 7.84
CA ARG A 34 4.14 11.79 7.28
C ARG A 34 4.66 12.01 5.85
N LEU A 35 3.89 12.72 5.02
CA LEU A 35 4.34 12.97 3.65
C LEU A 35 5.50 13.96 3.62
N GLN A 36 5.49 14.95 4.50
CA GLN A 36 6.59 15.90 4.56
C GLN A 36 7.89 15.24 5.04
N ALA A 37 7.79 14.27 5.96
CA ALA A 37 8.96 13.54 6.41
C ALA A 37 9.59 12.76 5.27
N ILE A 38 8.77 12.20 4.38
CA ILE A 38 9.29 11.52 3.20
C ILE A 38 9.99 12.50 2.28
N GLU A 39 9.39 13.68 2.05
CA GLU A 39 10.03 14.68 1.20
C GLU A 39 11.37 15.12 1.78
N ASP A 40 11.43 15.37 3.09
CA ASP A 40 12.68 15.82 3.69
C ASP A 40 13.79 14.79 3.53
N GLN A 41 13.46 13.49 3.72
CA GLN A 41 14.51 12.49 3.66
C GLN A 41 14.97 12.26 2.23
N LEU A 42 14.06 12.35 1.24
CA LEU A 42 14.51 12.26 -0.15
C LEU A 42 15.50 13.35 -0.48
N ILE A 43 15.39 14.50 0.19
CA ILE A 43 16.37 15.57 0.04
C ILE A 43 17.67 15.22 0.74
N ALA A 44 17.59 14.92 2.05
CA ALA A 44 18.77 14.64 2.84
C ALA A 44 19.51 13.38 2.37
N SER A 45 18.84 12.47 1.69
CA SER A 45 19.53 11.31 1.14
C SER A 45 20.05 11.57 -0.27
N ARG A 46 19.59 12.64 -0.92
CA ARG A 46 19.85 12.92 -2.32
C ARG A 46 19.35 11.81 -3.25
N ILE A 47 18.50 10.91 -2.74
CA ILE A 47 17.86 9.91 -3.59
C ILE A 47 16.69 10.49 -4.38
N GLY A 48 16.23 11.69 -4.02
CA GLY A 48 15.19 12.33 -4.81
C GLY A 48 15.60 12.71 -6.19
N GLU A 49 16.88 12.56 -6.52
CA GLU A 49 17.43 12.94 -7.81
C GLU A 49 17.44 11.78 -8.82
N LEU A 50 17.23 10.54 -8.37
CA LEU A 50 17.13 9.40 -9.26
C LEU A 50 15.69 8.92 -9.46
N ILE A 51 14.71 9.79 -9.20
CA ILE A 51 13.31 9.48 -9.45
C ILE A 51 12.73 10.63 -10.25
N GLU A 52 11.64 10.36 -10.97
CA GLU A 52 10.93 11.39 -11.72
C GLU A 52 9.57 11.67 -11.04
N ARG A 53 9.37 12.94 -10.70
CA ARG A 53 8.16 13.36 -9.99
C ARG A 53 6.96 13.40 -10.92
N GLU A 54 5.83 12.86 -10.45
CA GLU A 54 4.57 12.87 -11.20
C GLU A 54 3.43 13.30 -10.28
N SER A 55 2.48 14.08 -10.81
CA SER A 55 1.33 14.54 -10.05
C SER A 55 0.18 13.53 -10.10
N ALA A 56 -0.34 13.17 -8.93
CA ALA A 56 -1.43 12.20 -8.89
C ALA A 56 -2.70 12.80 -9.47
N PRO A 57 -3.37 12.12 -10.39
CA PRO A 57 -4.69 12.56 -10.86
C PRO A 57 -5.80 12.11 -9.91
N LEU A 58 -7.02 12.54 -10.21
CA LEU A 58 -8.20 12.10 -9.48
C LEU A 58 -8.67 10.76 -10.05
N ALA A 59 -8.96 9.81 -9.16
CA ALA A 59 -9.57 8.56 -9.61
C ALA A 59 -11.02 8.79 -9.99
N ASP A 60 -11.46 8.12 -11.05
CA ASP A 60 -12.85 8.22 -11.48
C ASP A 60 -13.66 7.07 -10.87
N GLU A 61 -14.98 7.17 -11.01
CA GLU A 61 -15.86 6.22 -10.36
C GLU A 61 -15.63 4.80 -10.87
N ALA A 62 -15.41 4.63 -12.18
CA ALA A 62 -15.27 3.29 -12.73
C ALA A 62 -14.06 2.59 -12.13
N ALA A 63 -12.99 3.36 -11.89
CA ALA A 63 -11.83 2.82 -11.17
C ALA A 63 -12.24 2.29 -9.80
N LEU A 64 -13.04 3.06 -9.06
CA LEU A 64 -13.42 2.65 -7.70
C LEU A 64 -14.32 1.43 -7.73
N LEU A 65 -15.27 1.39 -8.67
CA LEU A 65 -16.30 0.35 -8.68
C LEU A 65 -15.79 -1.00 -9.19
N ARG A 66 -14.55 -1.05 -9.72
CA ARG A 66 -13.90 -2.32 -9.97
C ARG A 66 -13.54 -3.05 -8.68
N VAL A 67 -13.56 -2.37 -7.54
CA VAL A 67 -13.24 -2.96 -6.24
C VAL A 67 -14.41 -2.83 -5.26
N HIS A 68 -14.94 -1.62 -5.09
CA HIS A 68 -15.91 -1.28 -4.05
C HIS A 68 -17.33 -1.34 -4.59
N THR A 69 -18.31 -1.38 -3.67
CA THR A 69 -19.71 -1.34 -4.05
C THR A 69 -20.15 0.08 -4.37
N LYS A 70 -21.28 0.19 -5.06
CA LYS A 70 -21.84 1.51 -5.36
C LYS A 70 -22.25 2.21 -4.06
N ALA A 71 -22.80 1.47 -3.11
CA ALA A 71 -23.19 2.07 -1.83
C ALA A 71 -21.98 2.58 -1.05
N HIS A 72 -20.88 1.83 -1.08
CA HIS A 72 -19.64 2.28 -0.44
C HIS A 72 -19.22 3.66 -0.97
N VAL A 73 -19.18 3.79 -2.30
CA VAL A 73 -18.74 5.04 -2.91
C VAL A 73 -19.74 6.16 -2.62
N ASP A 74 -21.04 5.88 -2.80
CA ASP A 74 -22.07 6.89 -2.56
C ASP A 74 -22.11 7.34 -1.10
N TYR A 75 -21.83 6.43 -0.17
CA TYR A 75 -21.81 6.76 1.26
C TYR A 75 -20.71 7.77 1.58
N LEU A 76 -19.46 7.44 1.22
CA LEU A 76 -18.35 8.35 1.47
C LEU A 76 -18.55 9.68 0.77
N ARG A 77 -19.13 9.66 -0.43
CA ARG A 77 -19.40 10.93 -1.11
C ARG A 77 -20.41 11.76 -0.32
N ALA A 78 -21.43 11.11 0.24
CA ALA A 78 -22.44 11.82 1.00
C ALA A 78 -21.97 12.17 2.40
N ARG A 79 -21.04 11.39 2.95
CA ARG A 79 -20.52 11.61 4.29
C ARG A 79 -19.52 12.76 4.33
N SER A 80 -18.97 13.16 3.19
CA SER A 80 -17.92 14.17 3.16
C SER A 80 -18.43 15.50 3.74
N PRO A 81 -17.86 15.98 4.83
CA PRO A 81 -18.46 17.13 5.53
C PRO A 81 -18.10 18.47 4.89
N GLN A 82 -19.01 19.42 5.04
CA GLN A 82 -18.73 20.78 4.59
C GLN A 82 -17.80 21.51 5.56
N SER A 83 -17.88 21.18 6.85
CA SER A 83 -16.97 21.74 7.84
C SER A 83 -16.81 20.71 8.97
N GLY A 84 -15.72 20.85 9.72
CA GLY A 84 -15.49 19.96 10.83
C GLY A 84 -15.20 18.55 10.36
N TYR A 85 -15.65 17.57 11.15
CA TYR A 85 -15.33 16.18 10.90
C TYR A 85 -16.60 15.34 10.87
N ALA A 86 -16.56 14.23 10.12
CA ALA A 86 -17.63 13.24 10.11
C ALA A 86 -17.03 11.87 10.39
N GLU A 87 -17.49 11.22 11.44
CA GLU A 87 -16.87 10.00 11.92
C GLU A 87 -17.16 8.81 11.00
N ILE A 88 -16.13 8.00 10.78
CA ILE A 88 -16.25 6.73 10.06
C ILE A 88 -16.27 5.56 11.03
N ASP A 89 -15.29 5.51 11.94
CA ASP A 89 -15.14 4.47 12.96
C ASP A 89 -14.35 5.12 14.11
N PRO A 90 -14.05 4.43 15.21
CA PRO A 90 -13.46 5.15 16.36
C PRO A 90 -12.20 5.94 16.05
N ASP A 91 -11.37 5.53 15.07
CA ASP A 91 -10.20 6.36 14.78
C ASP A 91 -10.06 6.72 13.31
N THR A 92 -11.20 6.86 12.61
CA THR A 92 -11.22 7.25 11.21
C THR A 92 -12.33 8.27 10.99
N SER A 93 -11.99 9.47 10.53
CA SER A 93 -13.02 10.44 10.23
C SER A 93 -12.65 11.17 8.95
N MET A 94 -13.65 11.78 8.32
CA MET A 94 -13.40 12.62 7.16
C MET A 94 -13.41 14.08 7.61
N ASN A 95 -12.47 14.87 7.08
CA ASN A 95 -12.56 16.32 7.17
C ASN A 95 -13.02 16.82 5.80
N PRO A 96 -13.23 18.12 5.57
CA PRO A 96 -13.74 18.54 4.26
C PRO A 96 -12.78 18.29 3.10
N HIS A 97 -11.60 17.71 3.34
CA HIS A 97 -10.65 17.41 2.28
C HIS A 97 -10.41 15.92 2.05
N THR A 98 -10.90 15.06 2.93
CA THR A 98 -10.58 13.64 2.87
C THR A 98 -10.99 13.02 1.54
N TRP A 99 -12.17 13.37 1.03
CA TRP A 99 -12.63 12.80 -0.23
C TRP A 99 -11.67 13.10 -1.38
N THR A 100 -11.30 14.36 -1.56
CA THR A 100 -10.35 14.71 -2.63
C THR A 100 -9.01 13.99 -2.46
N ALA A 101 -8.47 13.96 -1.23
CA ALA A 101 -7.23 13.24 -0.98
C ALA A 101 -7.35 11.76 -1.34
N ALA A 102 -8.46 11.13 -0.96
CA ALA A 102 -8.59 9.71 -1.24
C ALA A 102 -8.65 9.46 -2.74
N LEU A 103 -9.28 10.37 -3.48
CA LEU A 103 -9.29 10.25 -4.94
C LEU A 103 -7.88 10.39 -5.51
N ARG A 104 -7.05 11.25 -4.92
CA ARG A 104 -5.67 11.40 -5.38
C ARG A 104 -4.87 10.13 -5.10
N ALA A 105 -5.08 9.55 -3.93
CA ALA A 105 -4.36 8.35 -3.56
C ALA A 105 -4.72 7.20 -4.49
N ALA A 106 -6.01 7.00 -4.74
CA ALA A 106 -6.37 5.98 -5.72
C ALA A 106 -5.95 6.41 -7.12
N GLY A 107 -6.04 7.72 -7.40
CA GLY A 107 -5.64 8.21 -8.70
C GLY A 107 -4.17 7.93 -9.00
N ALA A 108 -3.30 8.25 -8.04
CA ALA A 108 -1.88 7.91 -8.16
C ALA A 108 -1.66 6.45 -8.55
N ALA A 109 -2.32 5.53 -7.86
CA ALA A 109 -2.07 4.10 -8.08
C ALA A 109 -2.49 3.67 -9.48
N VAL A 110 -3.64 4.19 -9.95
CA VAL A 110 -4.09 3.93 -11.31
C VAL A 110 -3.10 4.49 -12.33
N ALA A 111 -2.68 5.75 -12.16
CA ALA A 111 -1.84 6.39 -13.16
C ALA A 111 -0.42 5.80 -13.15
N ALA A 112 0.10 5.45 -11.98
CA ALA A 112 1.37 4.72 -11.94
C ALA A 112 1.26 3.40 -12.70
N THR A 113 0.11 2.74 -12.60
CA THR A 113 -0.08 1.48 -13.30
C THR A 113 -0.08 1.67 -14.81
N ASP A 114 -0.86 2.65 -15.30
CA ASP A 114 -0.82 2.98 -16.72
C ASP A 114 0.59 3.29 -17.20
N ALA A 115 1.39 3.99 -16.38
CA ALA A 115 2.72 4.42 -16.82
C ALA A 115 3.70 3.27 -16.84
N VAL A 116 3.54 2.31 -15.94
CA VAL A 116 4.49 1.21 -15.90
C VAL A 116 4.20 0.21 -17.01
N ILE A 117 2.93 -0.13 -17.21
CA ILE A 117 2.57 -1.05 -18.29
C ILE A 117 2.93 -0.47 -19.64
N GLU A 118 2.74 0.85 -19.81
CA GLU A 118 3.08 1.52 -21.06
C GLU A 118 4.59 1.63 -21.28
N GLY A 119 5.40 1.36 -20.27
CA GLY A 119 6.82 1.49 -20.42
C GLY A 119 7.36 2.88 -20.17
N ARG A 120 6.57 3.78 -19.60
CA ARG A 120 7.11 5.08 -19.21
C ARG A 120 8.10 4.94 -18.07
N TYR A 121 7.77 4.11 -17.07
CA TYR A 121 8.67 3.82 -15.96
C TYR A 121 8.88 2.32 -15.86
N ASP A 122 10.05 1.93 -15.33
CA ASP A 122 10.23 0.53 -14.95
C ASP A 122 9.39 0.19 -13.73
N ASN A 123 9.30 1.11 -12.77
CA ASN A 123 8.46 0.91 -11.59
C ASN A 123 8.11 2.27 -11.02
N ALA A 124 7.21 2.29 -10.04
CA ALA A 124 6.75 3.54 -9.45
C ALA A 124 6.40 3.35 -7.98
N PHE A 125 6.44 4.45 -7.24
CA PHE A 125 5.98 4.53 -5.86
C PHE A 125 4.99 5.69 -5.75
N CYS A 126 3.91 5.50 -4.99
CA CYS A 126 2.90 6.54 -4.76
C CYS A 126 2.99 6.94 -3.29
N SER A 127 3.58 8.10 -3.05
CA SER A 127 3.69 8.67 -1.71
C SER A 127 2.39 9.42 -1.43
N VAL A 128 1.39 8.73 -0.85
CA VAL A 128 0.03 9.26 -0.79
C VAL A 128 -0.61 8.96 0.57
N ARG A 129 -1.70 9.68 0.84
CA ARG A 129 -2.49 9.71 2.06
C ARG A 129 -3.89 10.05 1.56
N PRO A 130 -4.94 9.38 2.06
CA PRO A 130 -4.97 8.32 3.07
C PRO A 130 -4.64 6.93 2.53
N PRO A 131 -4.20 6.02 3.40
CA PRO A 131 -3.83 4.67 2.96
C PRO A 131 -5.02 3.84 2.54
N GLY A 132 -4.77 2.62 2.04
CA GLY A 132 -5.85 1.91 1.40
C GLY A 132 -6.21 0.52 1.89
N HIS A 133 -5.26 -0.24 2.41
CA HIS A 133 -5.41 -1.69 2.38
C HIS A 133 -6.38 -2.25 3.42
N HIS A 134 -6.91 -1.43 4.34
CA HIS A 134 -8.01 -1.85 5.20
C HIS A 134 -9.39 -1.62 4.58
N ALA A 135 -9.47 -0.85 3.50
CA ALA A 135 -10.77 -0.50 2.92
C ALA A 135 -11.32 -1.69 2.16
N GLU A 136 -12.33 -2.37 2.73
CA GLU A 136 -13.00 -3.48 2.06
C GLU A 136 -13.93 -2.95 0.99
N PRO A 137 -14.45 -3.80 0.12
CA PRO A 137 -15.42 -3.34 -0.88
C PRO A 137 -16.59 -2.56 -0.30
N ALA A 138 -17.09 -2.90 0.89
CA ALA A 138 -18.12 -2.07 1.51
C ALA A 138 -17.78 -1.78 2.96
N ARG A 139 -16.53 -1.40 3.23
CA ARG A 139 -16.18 -0.99 4.59
C ARG A 139 -14.96 -0.07 4.62
N ALA A 140 -15.17 1.19 4.91
CA ALA A 140 -14.07 2.07 5.26
C ALA A 140 -13.74 1.90 6.75
N MET A 141 -12.46 1.78 7.06
CA MET A 141 -12.03 1.50 8.44
C MET A 141 -10.53 1.66 8.55
N GLY A 142 -10.07 1.88 9.79
CA GLY A 142 -8.67 1.91 10.13
C GLY A 142 -7.83 2.82 9.26
N PHE A 143 -8.27 4.06 9.06
CA PHE A 143 -7.58 5.11 8.32
C PHE A 143 -7.75 4.98 6.80
N CYS A 144 -8.46 3.97 6.30
CA CYS A 144 -8.54 3.69 4.87
C CYS A 144 -9.96 3.87 4.34
N PHE A 145 -10.07 4.49 3.16
CA PHE A 145 -11.35 4.78 2.51
C PHE A 145 -11.57 4.00 1.22
N PHE A 146 -10.58 3.98 0.32
CA PHE A 146 -10.58 3.18 -0.90
C PHE A 146 -9.27 2.42 -0.95
N ASN A 147 -9.31 1.21 -1.50
CA ASN A 147 -8.16 0.32 -1.49
C ASN A 147 -7.29 0.62 -2.72
N ASN A 148 -6.40 1.59 -2.55
CA ASN A 148 -5.53 2.04 -3.65
C ASN A 148 -4.86 0.88 -4.38
N VAL A 149 -4.24 -0.02 -3.62
CA VAL A 149 -3.50 -1.11 -4.25
C VAL A 149 -4.43 -2.04 -5.00
N ALA A 150 -5.58 -2.37 -4.41
CA ALA A 150 -6.53 -3.28 -5.06
C ALA A 150 -7.10 -2.64 -6.32
N ILE A 151 -7.35 -1.34 -6.27
CA ILE A 151 -7.86 -0.59 -7.42
C ILE A 151 -6.83 -0.59 -8.54
N ALA A 152 -5.55 -0.41 -8.20
CA ALA A 152 -4.51 -0.48 -9.23
C ALA A 152 -4.40 -1.89 -9.82
N ALA A 153 -4.43 -2.92 -8.99
CA ALA A 153 -4.37 -4.28 -9.56
C ALA A 153 -5.58 -4.57 -10.43
N ARG A 154 -6.79 -4.17 -10.01
CA ARG A 154 -7.95 -4.44 -10.86
C ARG A 154 -7.92 -3.59 -12.13
N HIS A 155 -7.25 -2.44 -12.10
CA HIS A 155 -7.06 -1.67 -13.33
C HIS A 155 -6.24 -2.46 -14.34
N ALA A 156 -5.14 -3.09 -13.89
CA ALA A 156 -4.28 -3.84 -14.80
C ALA A 156 -4.96 -5.11 -15.32
N LEU A 157 -5.85 -5.71 -14.52
CA LEU A 157 -6.56 -6.92 -14.93
C LEU A 157 -7.64 -6.63 -15.98
N GLU A 158 -8.51 -5.66 -15.72
CA GLU A 158 -9.68 -5.40 -16.55
C GLU A 158 -9.42 -4.40 -17.68
N VAL A 159 -8.53 -3.44 -17.49
CA VAL A 159 -8.26 -2.47 -18.55
C VAL A 159 -7.08 -2.89 -19.40
N HIS A 160 -5.95 -3.24 -18.78
CA HIS A 160 -4.79 -3.70 -19.52
C HIS A 160 -4.81 -5.20 -19.80
N LYS A 161 -5.86 -5.92 -19.39
CA LYS A 161 -6.10 -7.33 -19.71
C LYS A 161 -4.96 -8.26 -19.29
N LEU A 162 -4.17 -7.87 -18.28
CA LEU A 162 -3.25 -8.82 -17.68
C LEU A 162 -4.00 -10.04 -17.14
N GLU A 163 -3.32 -11.18 -17.10
CA GLU A 163 -3.92 -12.43 -16.62
C GLU A 163 -3.57 -12.76 -15.19
N ARG A 164 -2.39 -12.37 -14.71
CA ARG A 164 -1.97 -12.72 -13.35
C ARG A 164 -1.22 -11.55 -12.73
N VAL A 165 -1.62 -11.17 -11.52
CA VAL A 165 -0.89 -10.15 -10.76
C VAL A 165 -0.69 -10.66 -9.33
N ALA A 166 0.35 -10.15 -8.67
CA ALA A 166 0.58 -10.43 -7.27
C ALA A 166 0.58 -9.14 -6.46
N ILE A 167 -0.03 -9.21 -5.28
CA ILE A 167 -0.04 -8.11 -4.33
C ILE A 167 0.83 -8.48 -3.14
N ILE A 168 1.86 -7.67 -2.88
CA ILE A 168 2.76 -7.84 -1.74
C ILE A 168 2.37 -6.82 -0.67
N ASP A 169 2.09 -7.29 0.55
CA ASP A 169 1.70 -6.40 1.63
C ASP A 169 2.61 -6.65 2.83
N PHE A 170 3.53 -5.73 3.13
CA PHE A 170 4.39 -5.88 4.30
C PHE A 170 4.12 -4.84 5.40
N ASP A 171 2.97 -4.17 5.36
CA ASP A 171 2.47 -3.41 6.51
C ASP A 171 2.28 -4.32 7.74
N VAL A 172 2.44 -3.75 8.94
CA VAL A 172 2.30 -4.54 10.17
C VAL A 172 0.86 -5.06 10.35
N HIS A 173 -0.13 -4.31 9.90
CA HIS A 173 -1.53 -4.68 9.99
C HIS A 173 -1.92 -5.51 8.76
N HIS A 174 -2.75 -6.54 8.99
CA HIS A 174 -3.25 -7.36 7.89
C HIS A 174 -4.04 -6.52 6.90
N GLY A 175 -3.80 -6.72 5.61
CA GLY A 175 -4.64 -6.11 4.60
C GLY A 175 -5.97 -6.80 4.40
N ASN A 176 -6.87 -6.70 5.38
CA ASN A 176 -8.21 -7.27 5.27
C ASN A 176 -8.94 -6.78 4.03
N GLY A 177 -8.75 -5.51 3.65
CA GLY A 177 -9.44 -4.96 2.49
C GLY A 177 -9.06 -5.69 1.23
N THR A 178 -7.79 -6.03 1.08
CA THR A 178 -7.33 -6.76 -0.08
C THR A 178 -7.85 -8.20 -0.06
N GLU A 179 -7.88 -8.84 1.13
CA GLU A 179 -8.41 -10.21 1.19
C GLU A 179 -9.90 -10.24 0.82
N ALA A 180 -10.64 -9.23 1.23
CA ALA A 180 -12.08 -9.16 1.01
C ALA A 180 -12.42 -8.84 -0.44
N ALA A 181 -11.48 -8.27 -1.17
CA ALA A 181 -11.70 -7.94 -2.57
C ALA A 181 -11.45 -9.16 -3.48
N PHE A 182 -10.47 -10.00 -3.15
CA PHE A 182 -9.88 -10.94 -4.11
C PHE A 182 -9.96 -12.42 -3.73
N SER A 183 -10.79 -12.81 -2.76
CA SER A 183 -10.76 -14.20 -2.35
C SER A 183 -11.43 -15.14 -3.36
N ASN A 184 -12.19 -14.62 -4.33
CA ASN A 184 -12.72 -15.40 -5.43
C ASN A 184 -11.98 -15.16 -6.76
N ASP A 185 -10.81 -14.50 -6.76
CA ASP A 185 -10.18 -14.05 -8.01
C ASP A 185 -8.86 -14.77 -8.23
N ALA A 186 -8.91 -15.85 -9.02
CA ALA A 186 -7.72 -16.68 -9.25
C ALA A 186 -6.63 -15.94 -10.01
N ARG A 187 -6.93 -14.79 -10.63
CA ARG A 187 -5.92 -13.98 -11.30
C ARG A 187 -5.01 -13.23 -10.33
N VAL A 188 -5.30 -13.27 -9.03
CA VAL A 188 -4.56 -12.50 -8.03
C VAL A 188 -3.92 -13.47 -7.04
N LEU A 189 -2.68 -13.19 -6.66
CA LEU A 189 -2.04 -13.84 -5.52
C LEU A 189 -1.66 -12.78 -4.50
N MET A 190 -2.05 -12.99 -3.25
CA MET A 190 -1.70 -12.10 -2.16
C MET A 190 -0.66 -12.75 -1.26
N CYS A 191 0.50 -12.11 -1.14
CA CYS A 191 1.56 -12.51 -0.21
C CYS A 191 1.77 -11.38 0.80
N SER A 192 1.79 -11.74 2.08
CA SER A 192 1.88 -10.71 3.10
C SER A 192 2.56 -11.25 4.36
N ILE A 193 2.97 -10.32 5.21
CA ILE A 193 3.24 -10.61 6.61
C ILE A 193 2.34 -9.70 7.43
N PHE A 194 2.05 -10.11 8.66
CA PHE A 194 1.19 -9.29 9.52
C PHE A 194 1.35 -9.69 10.97
N GLN A 195 1.33 -8.71 11.87
CA GLN A 195 1.37 -9.03 13.28
C GLN A 195 0.07 -9.70 13.70
N HIS A 196 0.21 -10.75 14.52
CA HIS A 196 -0.86 -11.61 14.86
C HIS A 196 -0.63 -12.10 16.29
N PRO A 197 -1.66 -12.05 17.17
CA PRO A 197 -2.98 -11.45 16.96
C PRO A 197 -2.94 -9.93 17.13
N PHE A 198 -3.49 -9.20 16.18
CA PHE A 198 -3.35 -7.75 16.13
C PHE A 198 -4.41 -7.21 15.19
N TYR A 199 -4.71 -5.93 15.36
CA TYR A 199 -5.65 -5.25 14.49
C TYR A 199 -5.28 -5.51 13.03
N PRO A 200 -6.25 -5.83 12.16
CA PRO A 200 -7.71 -5.88 12.34
C PRO A 200 -8.27 -7.20 12.86
N PHE A 201 -7.41 -8.11 13.30
CA PHE A 201 -7.80 -9.38 13.91
C PHE A 201 -8.40 -10.37 12.92
N THR A 202 -8.00 -10.31 11.65
CA THR A 202 -8.41 -11.31 10.67
C THR A 202 -7.21 -11.66 9.80
N GLY A 203 -7.38 -12.66 8.95
CA GLY A 203 -6.34 -13.08 8.02
C GLY A 203 -5.60 -14.34 8.41
N ALA A 204 -5.82 -14.86 9.60
CA ALA A 204 -5.17 -16.10 10.00
C ALA A 204 -5.97 -17.35 9.64
N ASP A 205 -7.28 -17.23 9.40
CA ASP A 205 -8.15 -18.39 9.26
C ASP A 205 -8.96 -18.34 7.98
N ASN A 206 -9.37 -19.53 7.52
CA ASN A 206 -10.20 -19.67 6.32
C ASN A 206 -9.60 -18.90 5.16
N GLN A 207 -8.30 -19.14 4.92
CA GLN A 207 -7.56 -18.46 3.86
CA GLN A 207 -7.58 -18.45 3.87
C GLN A 207 -7.88 -19.11 2.53
N ALA A 208 -8.40 -18.33 1.58
CA ALA A 208 -8.63 -18.82 0.24
C ALA A 208 -7.31 -19.30 -0.35
N PRO A 209 -7.37 -20.17 -1.37
CA PRO A 209 -6.14 -20.77 -1.91
C PRO A 209 -5.17 -19.76 -2.52
N ASN A 210 -5.63 -18.57 -2.91
CA ASN A 210 -4.74 -17.54 -3.42
C ASN A 210 -4.25 -16.58 -2.34
N MET A 211 -4.39 -16.92 -1.06
CA MET A 211 -4.00 -16.04 0.04
C MET A 211 -2.82 -16.63 0.77
N CYS A 212 -1.69 -15.94 0.71
CA CYS A 212 -0.44 -16.35 1.32
C CYS A 212 -0.01 -15.28 2.33
N ASN A 213 -0.74 -15.23 3.44
CA ASN A 213 -0.63 -14.20 4.47
C ASN A 213 -0.02 -14.84 5.70
N VAL A 214 1.20 -14.43 6.04
CA VAL A 214 1.99 -15.12 7.05
C VAL A 214 1.84 -14.37 8.38
N PRO A 215 1.26 -14.98 9.40
CA PRO A 215 1.16 -14.31 10.70
C PRO A 215 2.52 -14.23 11.38
N ILE A 216 2.78 -13.12 12.05
CA ILE A 216 4.09 -12.87 12.66
C ILE A 216 3.90 -12.52 14.13
N ALA A 217 4.76 -13.07 14.99
CA ALA A 217 4.58 -12.84 16.42
C ALA A 217 5.03 -11.43 16.83
N ALA A 218 4.40 -10.90 17.87
CA ALA A 218 4.85 -9.62 18.41
C ALA A 218 6.31 -9.72 18.82
N ARG A 219 7.03 -8.61 18.66
CA ARG A 219 8.45 -8.44 19.00
C ARG A 219 9.39 -9.18 18.04
N SER A 220 8.87 -9.84 17.01
CA SER A 220 9.74 -10.49 16.04
C SER A 220 10.65 -9.47 15.37
N LYS A 221 11.90 -9.87 15.17
CA LYS A 221 12.86 -9.07 14.43
C LYS A 221 12.93 -9.57 12.98
N GLY A 222 13.69 -8.84 12.17
CA GLY A 222 13.70 -9.06 10.74
C GLY A 222 14.03 -10.47 10.29
N MET A 223 14.88 -11.18 11.06
CA MET A 223 15.30 -12.50 10.61
C MET A 223 14.12 -13.46 10.53
N VAL A 224 13.12 -13.30 11.39
CA VAL A 224 11.90 -14.09 11.29
C VAL A 224 11.15 -13.77 10.00
N VAL A 225 11.12 -12.49 9.62
CA VAL A 225 10.41 -12.09 8.41
C VAL A 225 11.17 -12.56 7.16
N ARG A 226 12.49 -12.42 7.18
CA ARG A 226 13.28 -12.90 6.05
C ARG A 226 13.08 -14.40 5.84
N GLU A 227 13.20 -15.18 6.93
CA GLU A 227 12.97 -16.61 6.85
C GLU A 227 11.59 -16.91 6.27
N ALA A 228 10.55 -16.21 6.77
CA ALA A 228 9.19 -16.40 6.30
C ALA A 228 9.07 -16.08 4.80
N ILE A 229 9.60 -14.92 4.39
CA ILE A 229 9.52 -14.52 2.98
C ILE A 229 10.23 -15.53 2.09
N ASP A 230 11.43 -15.97 2.50
CA ASP A 230 12.22 -16.87 1.66
C ASP A 230 11.60 -18.26 1.57
N MET A 231 11.07 -18.78 2.67
CA MET A 231 10.61 -20.16 2.68
C MET A 231 9.16 -20.31 2.22
N ILE A 232 8.37 -19.23 2.26
CA ILE A 232 6.93 -19.31 2.06
C ILE A 232 6.49 -18.51 0.83
N TRP A 233 6.87 -17.22 0.76
CA TRP A 233 6.45 -16.39 -0.37
C TRP A 233 7.08 -16.83 -1.68
N LEU A 234 8.39 -17.01 -1.68
CA LEU A 234 9.09 -17.17 -2.95
C LEU A 234 8.63 -18.41 -3.71
N PRO A 235 8.43 -19.58 -3.09
CA PRO A 235 7.88 -20.70 -3.89
C PRO A 235 6.47 -20.44 -4.39
N ARG A 236 5.59 -19.81 -3.59
CA ARG A 236 4.27 -19.43 -4.12
C ARG A 236 4.42 -18.52 -5.33
N LEU A 237 5.32 -17.53 -5.24
CA LEU A 237 5.48 -16.57 -6.32
C LEU A 237 6.12 -17.22 -7.54
N ASP A 238 7.11 -18.10 -7.32
CA ASP A 238 7.73 -18.77 -8.45
C ASP A 238 6.75 -19.70 -9.15
N ALA A 239 5.81 -20.27 -8.41
CA ALA A 239 4.80 -21.13 -9.03
C ALA A 239 3.77 -20.30 -9.79
N PHE A 240 3.43 -19.13 -9.26
CA PHE A 240 2.37 -18.32 -9.86
C PHE A 240 2.83 -17.56 -11.09
N LYS A 241 4.07 -17.06 -11.09
CA LYS A 241 4.62 -16.20 -12.14
C LYS A 241 3.74 -14.98 -12.42
N PRO A 242 3.65 -14.03 -11.50
CA PRO A 242 2.83 -12.84 -11.73
C PRO A 242 3.39 -11.98 -12.86
N GLN A 243 2.50 -11.41 -13.66
CA GLN A 243 2.92 -10.56 -14.76
C GLN A 243 3.12 -9.11 -14.32
N MET A 244 2.78 -8.80 -13.08
CA MET A 244 2.99 -7.48 -12.49
C MET A 244 2.83 -7.60 -10.97
N LEU A 245 3.54 -6.75 -10.23
CA LEU A 245 3.51 -6.77 -8.77
C LEU A 245 3.01 -5.44 -8.24
N PHE A 246 2.15 -5.52 -7.22
CA PHE A 246 1.58 -4.35 -6.55
C PHE A 246 1.90 -4.44 -5.06
N VAL A 247 2.38 -3.34 -4.47
CA VAL A 247 2.96 -3.36 -3.13
C VAL A 247 2.17 -2.43 -2.20
N SER A 248 1.61 -3.01 -1.14
CA SER A 248 1.10 -2.26 0.01
C SER A 248 2.29 -2.00 0.92
N ALA A 249 2.99 -0.89 0.67
CA ALA A 249 4.28 -0.59 1.29
C ALA A 249 3.99 0.18 2.58
N GLY A 250 3.77 -0.56 3.65
CA GLY A 250 3.57 0.03 4.96
C GLY A 250 4.82 -0.21 5.78
N PHE A 251 5.21 0.81 6.54
CA PHE A 251 6.49 0.78 7.26
C PHE A 251 6.27 0.83 8.77
N ASP A 252 5.11 0.36 9.24
CA ASP A 252 4.83 0.45 10.66
C ASP A 252 5.26 -0.79 11.44
N ALA A 253 5.83 -1.81 10.78
CA ALA A 253 6.48 -2.91 11.50
C ALA A 253 7.87 -2.55 11.95
N HIS A 254 8.24 -1.28 11.79
CA HIS A 254 9.57 -0.82 12.16
C HIS A 254 9.72 -0.88 13.67
N ARG A 255 10.94 -1.14 14.10
CA ARG A 255 11.26 -1.15 15.53
CA ARG A 255 11.26 -1.15 15.53
C ARG A 255 10.79 0.13 16.22
N GLU A 256 10.86 1.26 15.53
CA GLU A 256 10.57 2.55 16.17
C GLU A 256 9.12 2.99 16.04
N ASP A 257 8.25 2.16 15.52
CA ASP A 257 6.86 2.55 15.32
C ASP A 257 6.02 2.31 16.56
N ASP A 258 5.29 3.34 16.98
CA ASP A 258 4.43 3.21 18.15
C ASP A 258 3.14 2.45 17.88
N LEU A 259 2.75 2.25 16.63
CA LEU A 259 1.52 1.53 16.32
C LEU A 259 1.72 0.06 15.99
N GLY A 260 2.97 -0.42 15.89
CA GLY A 260 3.24 -1.84 15.72
C GLY A 260 4.06 -2.34 16.89
N ASN A 261 4.20 -3.67 16.97
CA ASN A 261 5.08 -4.26 17.99
C ASN A 261 6.09 -5.19 17.35
N MET A 262 6.49 -4.91 16.12
CA MET A 262 7.55 -5.66 15.46
C MET A 262 8.80 -4.79 15.35
N ALA A 263 9.89 -5.40 14.91
CA ALA A 263 11.21 -4.80 15.06
C ALA A 263 12.00 -4.85 13.77
N LEU A 264 11.36 -4.55 12.64
CA LEU A 264 12.11 -4.39 11.40
C LEU A 264 12.94 -3.09 11.45
N VAL A 265 13.92 -2.99 10.57
CA VAL A 265 14.70 -1.78 10.39
C VAL A 265 14.83 -1.52 8.89
N GLU A 266 15.38 -0.35 8.55
CA GLU A 266 15.46 0.07 7.16
C GLU A 266 16.05 -1.01 6.26
N ASP A 267 17.07 -1.73 6.75
CA ASP A 267 17.73 -2.74 5.93
C ASP A 267 16.77 -3.86 5.54
N ASP A 268 15.84 -4.22 6.44
CA ASP A 268 14.84 -5.24 6.12
C ASP A 268 13.97 -4.80 4.95
N TYR A 269 13.48 -3.56 4.99
CA TYR A 269 12.69 -3.06 3.87
C TYR A 269 13.49 -3.05 2.57
N ALA A 270 14.77 -2.65 2.65
CA ALA A 270 15.65 -2.81 1.50
C ALA A 270 15.69 -4.26 1.03
N TRP A 271 15.91 -5.21 1.95
CA TRP A 271 16.02 -6.61 1.56
C TRP A 271 14.72 -7.10 0.93
N ILE A 272 13.58 -6.77 1.53
CA ILE A 272 12.29 -7.22 0.98
C ILE A 272 12.12 -6.68 -0.43
N THR A 273 12.45 -5.41 -0.65
CA THR A 273 12.27 -4.79 -1.95
C THR A 273 13.14 -5.46 -3.01
N GLN A 274 14.34 -5.91 -2.62
CA GLN A 274 15.22 -6.64 -3.53
C GLN A 274 14.57 -7.94 -3.99
N GLN A 275 13.91 -8.66 -3.06
CA GLN A 275 13.19 -9.88 -3.43
C GLN A 275 12.07 -9.58 -4.41
N ILE A 276 11.25 -8.57 -4.10
CA ILE A 276 10.20 -8.13 -5.02
C ILE A 276 10.78 -7.84 -6.40
N ARG A 277 11.95 -7.19 -6.44
CA ARG A 277 12.61 -6.88 -7.72
C ARG A 277 12.98 -8.16 -8.47
N LEU A 278 13.52 -9.14 -7.74
CA LEU A 278 13.94 -10.37 -8.38
C LEU A 278 12.75 -11.12 -8.99
N VAL A 279 11.65 -11.24 -8.23
CA VAL A 279 10.46 -11.89 -8.75
C VAL A 279 9.94 -11.15 -9.97
N ALA A 280 9.87 -9.83 -9.89
CA ALA A 280 9.38 -9.01 -11.00
C ALA A 280 10.28 -9.11 -12.22
N ASP A 281 11.60 -9.14 -12.03
CA ASP A 281 12.50 -9.29 -13.17
C ASP A 281 12.29 -10.64 -13.86
N LYS A 282 12.04 -11.69 -13.07
CA LYS A 282 11.81 -13.02 -13.63
C LYS A 282 10.54 -13.07 -14.48
N TYR A 283 9.40 -12.69 -13.92
CA TYR A 283 8.11 -13.01 -14.51
C TYR A 283 7.28 -11.82 -15.00
N ALA A 284 7.62 -10.59 -14.60
CA ALA A 284 6.73 -9.43 -14.75
C ALA A 284 7.33 -8.30 -15.59
N LYS A 285 8.45 -8.55 -16.29
CA LYS A 285 9.18 -7.51 -17.01
C LYS A 285 9.53 -6.34 -16.09
N GLY A 286 9.81 -6.66 -14.83
CA GLY A 286 10.18 -5.67 -13.85
C GLY A 286 9.06 -4.77 -13.37
N ARG A 287 7.81 -5.03 -13.76
CA ARG A 287 6.74 -4.06 -13.53
C ARG A 287 6.23 -4.13 -12.10
N ILE A 288 6.47 -3.06 -11.34
CA ILE A 288 6.06 -2.91 -9.95
C ILE A 288 5.37 -1.57 -9.75
N VAL A 289 4.23 -1.57 -9.05
CA VAL A 289 3.63 -0.34 -8.52
C VAL A 289 3.50 -0.49 -7.01
N SER A 290 3.98 0.50 -6.26
CA SER A 290 4.01 0.45 -4.82
C SER A 290 3.30 1.67 -4.23
N CYS A 291 2.46 1.45 -3.21
CA CYS A 291 1.66 2.52 -2.61
C CYS A 291 1.86 2.56 -1.11
N LEU A 292 2.08 3.77 -0.60
CA LEU A 292 2.28 3.98 0.82
C LEU A 292 1.03 3.57 1.62
N GLU A 293 1.23 2.70 2.61
CA GLU A 293 0.16 2.35 3.55
C GLU A 293 0.44 3.04 4.88
N GLY A 294 0.73 2.28 5.95
CA GLY A 294 0.96 2.88 7.25
C GLY A 294 2.43 3.17 7.54
N GLY A 295 2.71 3.62 8.76
CA GLY A 295 4.06 3.97 9.17
C GLY A 295 4.10 5.35 9.82
N TYR A 296 4.40 5.42 11.11
CA TYR A 296 3.96 6.55 11.92
C TYR A 296 5.04 7.28 12.71
N ASN A 297 6.22 6.69 12.93
CA ASN A 297 7.35 7.47 13.44
C ASN A 297 7.97 8.25 12.28
N LEU A 298 7.98 9.58 12.37
CA LEU A 298 8.30 10.38 11.19
C LEU A 298 9.71 10.12 10.68
N SER A 299 10.69 10.02 11.58
CA SER A 299 12.05 9.73 11.15
C SER A 299 12.17 8.34 10.51
N ALA A 300 11.62 7.32 11.17
CA ALA A 300 11.81 5.98 10.63
C ALA A 300 10.99 5.78 9.35
N LEU A 301 9.85 6.46 9.23
CA LEU A 301 9.09 6.41 7.98
C LEU A 301 9.91 6.99 6.83
N GLY A 302 10.44 8.20 7.00
CA GLY A 302 11.29 8.78 5.96
C GLY A 302 12.44 7.87 5.57
N ARG A 303 13.15 7.34 6.56
CA ARG A 303 14.28 6.46 6.33
C ARG A 303 13.87 5.16 5.66
N SER A 304 12.69 4.63 5.98
CA SER A 304 12.28 3.36 5.42
C SER A 304 11.75 3.50 4.00
N VAL A 305 11.01 4.58 3.71
CA VAL A 305 10.56 4.80 2.35
C VAL A 305 11.76 5.05 1.43
N VAL A 306 12.77 5.78 1.92
CA VAL A 306 13.93 6.04 1.07
C VAL A 306 14.68 4.75 0.79
N ALA A 307 14.80 3.85 1.77
CA ALA A 307 15.43 2.55 1.52
C ALA A 307 14.63 1.73 0.52
N HIS A 308 13.30 1.79 0.61
CA HIS A 308 12.45 1.11 -0.36
C HIS A 308 12.62 1.71 -1.74
N VAL A 309 12.51 3.04 -1.84
CA VAL A 309 12.55 3.70 -3.14
C VAL A 309 13.91 3.47 -3.80
N ARG A 310 14.98 3.63 -3.02
CA ARG A 310 16.33 3.42 -3.55
C ARG A 310 16.49 2.01 -4.10
N ALA A 311 15.93 1.00 -3.42
CA ALA A 311 15.97 -0.35 -3.96
C ALA A 311 15.13 -0.49 -5.22
N LEU A 312 14.11 0.36 -5.41
CA LEU A 312 13.36 0.31 -6.66
C LEU A 312 14.16 0.94 -7.79
N ALA A 313 14.85 2.03 -7.50
CA ALA A 313 15.76 2.62 -8.47
C ALA A 313 17.12 1.94 -8.47
N ASP A 314 17.31 0.93 -7.62
CA ASP A 314 18.58 0.27 -7.27
C ASP A 314 19.76 1.22 -7.27
#